data_6GZ2
#
_entry.id   6GZ2
#
_cell.length_a   64.990
_cell.length_b   88.770
_cell.length_c   97.190
_cell.angle_alpha   90.00
_cell.angle_beta   90.00
_cell.angle_gamma   90.00
#
_symmetry.space_group_name_H-M   'I 2 2 2'
#
loop_
_entity.id
_entity.type
_entity.pdbx_description
1 polymer 'HTH-type transcriptional regulator LeuO'
2 non-polymer 'MALONATE ION'
3 water water
#
_entity_poly.entity_id   1
_entity_poly.type   'polypeptide(L)'
_entity_poly.pdbx_seq_one_letter_code
;MSSERVFHLCVCDPLDSILTSQIYNHIEQIAPNIHVMFKSSLNQNTEHQLRYQETEFVISYEDFHRPEFTSVPLFKDEMV
LVASKNHPTIKGPLLKHDVYNEQHAAVSLDRFASFSQPWYDTVDKQASIAYQGMAMMSVLSVVSQTHLVAIAPRWLAEEF
AESLELQVLPLPLKQNSRTCYLSWHEAAGRDKGHQWMEEQLVSICKRLEHHHHHH
;
_entity_poly.pdbx_strand_id   A
#
loop_
_chem_comp.id
_chem_comp.type
_chem_comp.name
_chem_comp.formula
MLI non-polymer 'MALONATE ION' 'C3 H2 O4 -2'
#
# COMPACT_ATOMS: atom_id res chain seq x y z
N ARG A 5 -9.54 25.82 -0.98
CA ARG A 5 -8.31 25.14 -1.38
C ARG A 5 -8.48 23.63 -1.31
N VAL A 6 -8.32 22.97 -2.46
CA VAL A 6 -8.48 21.53 -2.56
C VAL A 6 -7.12 20.93 -2.90
N PHE A 7 -6.68 19.97 -2.11
CA PHE A 7 -5.42 19.29 -2.33
C PHE A 7 -5.69 17.93 -2.97
N HIS A 8 -4.99 17.64 -4.05
CA HIS A 8 -5.18 16.40 -4.80
C HIS A 8 -4.02 15.45 -4.50
N LEU A 9 -4.34 14.33 -3.87
CA LEU A 9 -3.36 13.32 -3.48
C LEU A 9 -3.61 12.03 -4.24
N CYS A 10 -2.53 11.36 -4.64
CA CYS A 10 -2.59 10.01 -5.18
C CYS A 10 -1.88 9.09 -4.19
N VAL A 11 -2.64 8.27 -3.49
CA VAL A 11 -2.11 7.34 -2.51
C VAL A 11 -2.28 5.95 -3.10
N CYS A 12 -1.16 5.33 -3.47
CA CYS A 12 -1.20 4.11 -4.24
C CYS A 12 -1.63 2.92 -3.38
N ASP A 13 -2.52 2.10 -3.92
CA ASP A 13 -2.94 0.89 -3.22
C ASP A 13 -1.73 0.03 -2.93
N PRO A 14 -1.61 -0.55 -1.73
CA PRO A 14 -2.55 -0.58 -0.60
C PRO A 14 -2.35 0.54 0.41
N LEU A 15 -1.48 1.49 0.10
CA LEU A 15 -1.21 2.56 1.05
C LEU A 15 -2.43 3.44 1.28
N ASP A 16 -3.36 3.49 0.30
CA ASP A 16 -4.60 4.24 0.54
C ASP A 16 -5.43 3.58 1.64
N SER A 17 -5.49 2.25 1.64
CA SER A 17 -6.22 1.54 2.67
C SER A 17 -5.54 1.67 4.03
N ILE A 18 -4.27 2.03 4.05
CA ILE A 18 -3.55 2.26 5.31
C ILE A 18 -3.67 3.71 5.79
N LEU A 19 -3.54 4.67 4.87
CA LEU A 19 -3.34 6.06 5.23
C LEU A 19 -4.52 6.98 4.94
N THR A 20 -5.37 6.65 3.97
CA THR A 20 -6.38 7.60 3.50
C THR A 20 -7.27 8.07 4.64
N SER A 21 -7.81 7.15 5.43
CA SER A 21 -8.76 7.54 6.47
C SER A 21 -8.10 8.46 7.49
N GLN A 22 -6.83 8.19 7.82
CA GLN A 22 -6.11 9.03 8.77
C GLN A 22 -5.91 10.43 8.21
N ILE A 23 -5.49 10.53 6.95
CA ILE A 23 -5.26 11.84 6.35
C ILE A 23 -6.56 12.60 6.23
N TYR A 24 -7.60 11.94 5.69
CA TYR A 24 -8.88 12.61 5.48
C TYR A 24 -9.47 13.09 6.80
N ASN A 25 -9.50 12.22 7.80
CA ASN A 25 -10.12 12.59 9.07
C ASN A 25 -9.40 13.78 9.71
N HIS A 26 -8.08 13.82 9.61
CA HIS A 26 -7.34 14.93 10.23
C HIS A 26 -7.51 16.22 9.44
N ILE A 27 -7.41 16.15 8.10
CA ILE A 27 -7.49 17.36 7.30
C ILE A 27 -8.92 17.87 7.17
N GLU A 28 -9.93 17.03 7.45
CA GLU A 28 -11.31 17.52 7.43
C GLU A 28 -11.59 18.39 8.65
N GLN A 29 -11.02 18.04 9.80
CA GLN A 29 -11.29 18.76 11.03
C GLN A 29 -10.86 20.22 10.96
N ILE A 30 -10.02 20.59 10.00
CA ILE A 30 -9.31 21.86 10.08
C ILE A 30 -10.25 23.02 9.76
N ALA A 31 -10.77 23.07 8.54
CA ALA A 31 -11.53 24.22 8.09
C ALA A 31 -12.58 23.76 7.07
N PRO A 32 -13.55 24.63 6.76
CA PRO A 32 -14.58 24.26 5.79
C PRO A 32 -14.18 24.52 4.35
N ASN A 33 -13.18 25.39 4.15
CA ASN A 33 -12.67 25.68 2.82
C ASN A 33 -11.38 24.91 2.51
N ILE A 34 -10.95 24.03 3.40
CA ILE A 34 -9.78 23.18 3.18
C ILE A 34 -10.29 21.76 2.93
N HIS A 35 -9.93 21.20 1.78
CA HIS A 35 -10.40 19.89 1.39
C HIS A 35 -9.26 19.09 0.78
N VAL A 36 -9.42 17.77 0.79
CA VAL A 36 -8.42 16.85 0.26
C VAL A 36 -9.14 15.77 -0.53
N MET A 37 -8.71 15.54 -1.76
CA MET A 37 -9.29 14.54 -2.64
C MET A 37 -8.26 13.46 -2.91
N PHE A 38 -8.71 12.21 -2.91
CA PHE A 38 -7.84 11.06 -3.04
C PHE A 38 -8.12 10.29 -4.32
N LYS A 39 -7.04 9.91 -5.00
CA LYS A 39 -7.04 8.86 -6.02
C LYS A 39 -6.02 7.80 -5.61
N SER A 40 -6.19 6.60 -6.17
CA SER A 40 -5.27 5.50 -5.92
C SER A 40 -4.71 4.90 -7.20
N SER A 41 -4.97 5.51 -8.35
CA SER A 41 -4.49 4.99 -9.63
C SER A 41 -3.02 5.35 -9.85
N GLN A 44 -1.81 7.82 -15.63
CA GLN A 44 -0.51 8.19 -16.20
C GLN A 44 0.60 7.92 -15.18
N ASN A 45 1.83 8.21 -15.56
CA ASN A 45 2.96 8.02 -14.67
C ASN A 45 3.02 9.14 -13.64
N THR A 46 3.86 8.94 -12.61
CA THR A 46 3.93 9.91 -11.52
C THR A 46 4.33 11.29 -12.03
N GLU A 47 5.26 11.33 -13.00
CA GLU A 47 5.70 12.62 -13.53
C GLU A 47 4.56 13.34 -14.23
N HIS A 48 3.77 12.63 -15.04
CA HIS A 48 2.62 13.24 -15.68
C HIS A 48 1.58 13.65 -14.65
N GLN A 49 1.32 12.80 -13.66
CA GLN A 49 0.35 13.13 -12.63
C GLN A 49 0.76 14.39 -11.87
N LEU A 50 2.01 14.44 -11.40
CA LEU A 50 2.44 15.55 -10.58
C LEU A 50 2.52 16.84 -11.39
N ARG A 51 3.33 16.83 -12.46
CA ARG A 51 3.54 18.04 -13.25
C ARG A 51 2.26 18.48 -13.95
N TYR A 52 1.72 17.61 -14.81
CA TYR A 52 0.72 18.03 -15.78
C TYR A 52 -0.71 17.75 -15.36
N GLN A 53 -0.94 17.28 -14.14
CA GLN A 53 -2.29 16.97 -13.69
C GLN A 53 -2.46 17.48 -12.27
N GLU A 54 -3.73 17.48 -11.80
CA GLU A 54 -4.06 18.09 -10.53
C GLU A 54 -3.29 17.49 -9.36
N THR A 55 -2.79 16.27 -9.50
CA THR A 55 -2.08 15.61 -8.40
C THR A 55 -0.92 16.48 -7.91
N GLU A 56 -0.92 16.78 -6.62
CA GLU A 56 0.13 17.57 -5.99
C GLU A 56 1.10 16.75 -5.16
N PHE A 57 0.64 15.61 -4.63
CA PHE A 57 1.46 14.71 -3.84
C PHE A 57 1.18 13.28 -4.27
N VAL A 58 2.20 12.43 -4.19
CA VAL A 58 2.07 11.00 -4.39
C VAL A 58 2.64 10.30 -3.16
N ILE A 59 1.89 9.34 -2.62
CA ILE A 59 2.38 8.46 -1.56
C ILE A 59 2.43 7.05 -2.13
N SER A 60 3.63 6.46 -2.13
CA SER A 60 3.84 5.17 -2.75
C SER A 60 5.10 4.54 -2.16
N TYR A 61 5.39 3.31 -2.60
CA TYR A 61 6.62 2.62 -2.21
C TYR A 61 7.79 2.95 -3.11
N GLU A 62 7.64 3.90 -4.03
CA GLU A 62 8.68 4.25 -4.99
C GLU A 62 9.37 5.54 -4.54
N ASP A 63 10.70 5.55 -4.67
CA ASP A 63 11.53 6.67 -4.27
C ASP A 63 12.08 7.39 -5.49
N PHE A 64 12.03 8.72 -5.45
CA PHE A 64 12.54 9.55 -6.54
C PHE A 64 13.83 10.24 -6.07
N HIS A 65 14.96 9.82 -6.64
CA HIS A 65 16.20 10.56 -6.47
C HIS A 65 16.37 11.64 -7.52
N ARG A 66 15.35 11.89 -8.34
CA ARG A 66 15.45 12.85 -9.43
C ARG A 66 15.39 14.27 -8.88
N PRO A 67 16.40 15.11 -9.12
CA PRO A 67 16.44 16.41 -8.43
C PRO A 67 15.19 17.26 -8.59
N GLU A 68 14.59 17.30 -9.79
CA GLU A 68 13.38 18.10 -9.98
C GLU A 68 12.25 17.65 -9.06
N PHE A 69 12.32 16.43 -8.53
CA PHE A 69 11.32 15.91 -7.62
C PHE A 69 11.95 15.63 -6.26
N THR A 70 11.12 15.68 -5.23
CA THR A 70 11.57 15.44 -3.86
C THR A 70 10.76 14.30 -3.27
N SER A 71 11.45 13.27 -2.77
CA SER A 71 10.82 12.14 -2.10
C SER A 71 11.28 12.13 -0.65
N VAL A 72 10.33 12.02 0.26
CA VAL A 72 10.60 12.00 1.69
C VAL A 72 10.13 10.65 2.24
N PRO A 73 11.00 9.87 2.89
CA PRO A 73 10.54 8.60 3.47
C PRO A 73 9.59 8.86 4.63
N LEU A 74 8.48 8.13 4.65
CA LEU A 74 7.48 8.27 5.71
C LEU A 74 7.67 7.19 6.77
N PHE A 75 7.61 5.91 6.38
CA PHE A 75 7.83 4.84 7.33
C PHE A 75 8.14 3.55 6.58
N LYS A 76 8.84 2.66 7.27
CA LYS A 76 9.16 1.33 6.79
C LYS A 76 8.22 0.35 7.46
N ASP A 77 7.81 -0.68 6.72
CA ASP A 77 6.90 -1.67 7.26
C ASP A 77 7.31 -3.06 6.79
N GLU A 78 7.00 -4.05 7.61
CA GLU A 78 7.23 -5.44 7.26
C GLU A 78 6.14 -5.94 6.32
N MET A 79 6.52 -6.77 5.36
CA MET A 79 5.58 -7.47 4.49
C MET A 79 5.37 -8.87 5.04
N VAL A 80 4.12 -9.30 5.13
CA VAL A 80 3.76 -10.53 5.81
C VAL A 80 2.88 -11.40 4.91
N LEU A 81 2.82 -12.69 5.25
CA LEU A 81 1.83 -13.59 4.67
C LEU A 81 0.57 -13.57 5.53
N VAL A 82 -0.58 -13.62 4.88
CA VAL A 82 -1.86 -13.63 5.59
C VAL A 82 -2.65 -14.84 5.12
N ALA A 83 -3.41 -15.44 6.03
CA ALA A 83 -4.31 -16.53 5.73
C ALA A 83 -5.46 -16.51 6.72
N SER A 84 -6.56 -17.14 6.33
CA SER A 84 -7.70 -17.24 7.25
C SER A 84 -7.30 -17.98 8.51
N LYS A 85 -7.79 -17.50 9.65
CA LYS A 85 -7.61 -18.23 10.90
C LYS A 85 -8.29 -19.60 10.85
N ASN A 86 -9.21 -19.80 9.92
CA ASN A 86 -9.91 -21.06 9.75
C ASN A 86 -9.23 -21.96 8.72
N HIS A 87 -8.01 -21.65 8.32
CA HIS A 87 -7.32 -22.44 7.31
C HIS A 87 -7.17 -23.88 7.81
N PRO A 88 -7.37 -24.88 6.94
CA PRO A 88 -7.30 -26.27 7.43
C PRO A 88 -5.89 -26.74 7.78
N THR A 89 -4.86 -26.19 7.15
CA THR A 89 -3.50 -26.67 7.35
C THR A 89 -2.53 -25.63 7.90
N ILE A 90 -2.70 -24.36 7.57
CA ILE A 90 -1.75 -23.35 8.03
C ILE A 90 -2.04 -23.05 9.50
N LYS A 91 -1.15 -23.49 10.38
CA LYS A 91 -1.22 -23.22 11.80
C LYS A 91 0.03 -22.50 12.30
N GLY A 92 0.74 -21.83 11.40
CA GLY A 92 1.95 -21.12 11.75
C GLY A 92 2.67 -20.64 10.51
N PRO A 93 3.87 -20.10 10.68
CA PRO A 93 4.61 -19.58 9.52
C PRO A 93 4.96 -20.68 8.53
N LEU A 94 5.01 -20.31 7.25
CA LEU A 94 5.38 -21.21 6.18
C LEU A 94 6.87 -21.18 5.97
N LEU A 95 7.43 -22.32 5.60
CA LEU A 95 8.82 -22.40 5.20
C LEU A 95 8.99 -21.82 3.79
N LYS A 96 10.22 -21.39 3.49
CA LYS A 96 10.46 -20.72 2.23
C LYS A 96 10.00 -21.57 1.04
N HIS A 97 10.28 -22.88 1.09
CA HIS A 97 9.98 -23.75 -0.04
C HIS A 97 8.51 -24.13 -0.13
N ASP A 98 7.70 -23.81 0.87
CA ASP A 98 6.27 -24.12 0.84
C ASP A 98 5.41 -22.92 0.46
N VAL A 99 5.97 -21.71 0.48
CA VAL A 99 5.17 -20.52 0.22
C VAL A 99 4.39 -20.68 -1.08
N TYR A 100 5.08 -21.01 -2.17
CA TYR A 100 4.46 -21.05 -3.48
C TYR A 100 3.85 -22.40 -3.80
N ASN A 101 3.78 -23.30 -2.83
CA ASN A 101 2.95 -24.49 -2.94
C ASN A 101 1.53 -24.26 -2.44
N GLU A 102 1.29 -23.12 -1.80
CA GLU A 102 -0.06 -22.69 -1.48
C GLU A 102 -0.69 -21.99 -2.70
N GLN A 103 -2.00 -21.78 -2.64
CA GLN A 103 -2.71 -21.03 -3.66
C GLN A 103 -2.77 -19.58 -3.18
N HIS A 104 -2.48 -18.64 -4.08
CA HIS A 104 -2.32 -17.24 -3.71
C HIS A 104 -3.43 -16.37 -4.28
N ALA A 105 -3.81 -15.36 -3.50
CA ALA A 105 -4.55 -14.20 -3.97
C ALA A 105 -3.58 -13.02 -4.04
N ALA A 106 -3.68 -12.24 -5.11
CA ALA A 106 -2.75 -11.14 -5.31
C ALA A 106 -3.43 -10.01 -6.07
N VAL A 107 -2.82 -8.83 -6.00
CA VAL A 107 -3.30 -7.70 -6.78
C VAL A 107 -2.92 -7.93 -8.23
N SER A 108 -3.88 -7.73 -9.13
CA SER A 108 -3.70 -7.98 -10.55
C SER A 108 -2.35 -7.48 -11.03
N LEU A 109 -1.57 -8.39 -11.63
CA LEU A 109 -0.28 -8.01 -12.19
C LEU A 109 -0.44 -7.12 -13.41
N ASP A 110 -1.62 -7.09 -14.03
CA ASP A 110 -1.89 -6.15 -15.10
C ASP A 110 -2.01 -4.72 -14.59
N ARG A 111 -2.32 -4.54 -13.31
CA ARG A 111 -2.46 -3.20 -12.75
C ARG A 111 -1.18 -2.41 -12.96
N PHE A 112 -1.34 -1.10 -13.13
CA PHE A 112 -0.22 -0.25 -13.51
C PHE A 112 0.96 -0.42 -12.55
N ALA A 113 0.72 -0.21 -11.27
CA ALA A 113 1.76 -0.34 -10.26
C ALA A 113 1.38 -1.40 -9.25
N SER A 114 1.19 -2.63 -9.71
CA SER A 114 0.71 -3.68 -8.84
C SER A 114 1.61 -3.85 -7.63
N PHE A 115 1.00 -3.76 -6.44
CA PHE A 115 1.74 -4.00 -5.20
C PHE A 115 2.37 -5.38 -5.16
N SER A 116 1.71 -6.38 -5.74
CA SER A 116 2.13 -7.77 -5.61
C SER A 116 3.25 -8.15 -6.55
N GLN A 117 3.51 -7.36 -7.58
CA GLN A 117 4.45 -7.76 -8.64
C GLN A 117 5.78 -8.27 -8.11
N PRO A 118 6.39 -7.66 -7.08
CA PRO A 118 7.75 -8.10 -6.70
C PRO A 118 7.85 -9.57 -6.34
N TRP A 119 6.76 -10.19 -5.88
CA TRP A 119 6.81 -11.56 -5.38
C TRP A 119 6.25 -12.58 -6.37
N TYR A 120 5.93 -12.15 -7.59
CA TYR A 120 5.45 -13.05 -8.63
C TYR A 120 6.10 -12.67 -9.96
N ASP A 121 7.42 -12.65 -9.98
CA ASP A 121 8.19 -12.21 -11.13
C ASP A 121 8.68 -13.36 -11.99
N THR A 122 8.15 -14.57 -11.80
CA THR A 122 8.50 -15.70 -12.64
C THR A 122 7.24 -16.45 -13.01
N VAL A 123 7.34 -17.25 -14.08
CA VAL A 123 6.20 -18.07 -14.50
C VAL A 123 5.80 -19.03 -13.39
N ASP A 124 6.78 -19.62 -12.71
CA ASP A 124 6.50 -20.57 -11.63
C ASP A 124 5.71 -19.88 -10.52
N LYS A 125 6.18 -18.73 -10.06
CA LYS A 125 5.50 -18.04 -8.97
C LYS A 125 4.12 -17.59 -9.40
N GLN A 126 3.97 -17.13 -10.64
CA GLN A 126 2.67 -16.63 -11.10
C GLN A 126 1.64 -17.74 -11.24
N ALA A 127 2.09 -18.97 -11.52
CA ALA A 127 1.16 -20.08 -11.63
C ALA A 127 0.47 -20.40 -10.32
N SER A 128 1.01 -19.92 -9.20
CA SER A 128 0.39 -20.17 -7.90
C SER A 128 -0.76 -19.22 -7.61
N ILE A 129 -0.98 -18.21 -8.45
CA ILE A 129 -2.05 -17.22 -8.20
C ILE A 129 -3.37 -17.79 -8.73
N ALA A 130 -4.33 -17.99 -7.84
CA ALA A 130 -5.67 -18.39 -8.23
C ALA A 130 -6.63 -17.22 -8.35
N TYR A 131 -6.36 -16.13 -7.66
CA TYR A 131 -7.25 -14.96 -7.66
C TYR A 131 -6.42 -13.70 -7.83
N GLN A 132 -6.79 -12.88 -8.81
CA GLN A 132 -6.21 -11.56 -9.02
C GLN A 132 -7.31 -10.53 -8.84
N GLY A 133 -7.19 -9.70 -7.80
CA GLY A 133 -8.12 -8.63 -7.54
C GLY A 133 -7.52 -7.26 -7.84
N MET A 134 -8.40 -6.26 -7.85
CA MET A 134 -7.99 -4.91 -8.21
C MET A 134 -7.30 -4.19 -7.06
N ALA A 135 -7.53 -4.61 -5.83
CA ALA A 135 -6.99 -3.91 -4.68
C ALA A 135 -6.68 -4.91 -3.58
N MET A 136 -5.77 -4.51 -2.68
CA MET A 136 -5.38 -5.39 -1.59
C MET A 136 -6.54 -5.72 -0.67
N MET A 137 -7.48 -4.79 -0.48
CA MET A 137 -8.63 -5.10 0.36
C MET A 137 -9.53 -6.15 -0.30
N SER A 138 -9.59 -6.19 -1.63
CA SER A 138 -10.27 -7.28 -2.31
C SER A 138 -9.53 -8.60 -2.10
N VAL A 139 -8.20 -8.54 -2.11
CA VAL A 139 -7.38 -9.74 -1.87
C VAL A 139 -7.61 -10.26 -0.45
N LEU A 140 -7.59 -9.37 0.53
CA LEU A 140 -7.76 -9.82 1.92
C LEU A 140 -9.14 -10.40 2.15
N SER A 141 -10.18 -9.84 1.52
CA SER A 141 -11.53 -10.35 1.75
C SER A 141 -11.71 -11.76 1.21
N VAL A 142 -11.11 -12.05 0.04
CA VAL A 142 -11.17 -13.40 -0.48
C VAL A 142 -10.31 -14.35 0.36
N VAL A 143 -9.16 -13.89 0.84
CA VAL A 143 -8.34 -14.73 1.72
C VAL A 143 -9.14 -15.11 2.96
N SER A 144 -9.91 -14.15 3.51
CA SER A 144 -10.67 -14.40 4.72
C SER A 144 -11.81 -15.39 4.50
N GLN A 145 -12.19 -15.65 3.25
CA GLN A 145 -13.28 -16.56 2.94
C GLN A 145 -12.82 -17.86 2.27
N THR A 146 -11.52 -18.07 2.10
CA THR A 146 -11.01 -19.20 1.35
C THR A 146 -9.75 -19.72 2.02
N HIS A 147 -9.13 -20.73 1.40
CA HIS A 147 -7.85 -21.26 1.84
C HIS A 147 -6.66 -20.57 1.18
N LEU A 148 -6.90 -19.51 0.41
CA LEU A 148 -5.83 -18.81 -0.27
C LEU A 148 -4.99 -18.01 0.71
N VAL A 149 -3.73 -17.76 0.32
CA VAL A 149 -2.83 -16.93 1.10
C VAL A 149 -2.48 -15.70 0.26
N ALA A 150 -1.98 -14.67 0.93
CA ALA A 150 -1.59 -13.46 0.24
C ALA A 150 -0.46 -12.79 1.00
N ILE A 151 0.26 -11.91 0.30
CA ILE A 151 1.32 -11.09 0.87
C ILE A 151 0.78 -9.67 1.00
N ALA A 152 0.86 -9.12 2.20
CA ALA A 152 0.30 -7.81 2.50
C ALA A 152 1.23 -7.05 3.44
N PRO A 153 1.08 -5.73 3.51
CA PRO A 153 1.81 -4.97 4.54
C PRO A 153 1.31 -5.34 5.92
N ARG A 154 2.24 -5.39 6.88
CA ARG A 154 1.87 -5.82 8.23
C ARG A 154 0.84 -4.88 8.84
N TRP A 155 1.00 -3.57 8.65
CA TRP A 155 0.08 -2.63 9.27
C TRP A 155 -1.35 -2.89 8.78
N LEU A 156 -1.51 -3.09 7.48
CA LEU A 156 -2.85 -3.35 6.94
C LEU A 156 -3.39 -4.67 7.45
N ALA A 157 -2.54 -5.72 7.46
CA ALA A 157 -3.00 -7.03 7.91
C ALA A 157 -3.42 -6.98 9.36
N GLU A 158 -2.65 -6.31 10.22
CA GLU A 158 -3.00 -6.27 11.64
C GLU A 158 -4.21 -5.39 11.91
N GLU A 159 -4.47 -4.41 11.05
CA GLU A 159 -5.65 -3.56 11.25
C GLU A 159 -6.94 -4.37 11.09
N PHE A 160 -6.95 -5.31 10.15
CA PHE A 160 -8.14 -6.08 9.84
C PHE A 160 -8.04 -7.54 10.27
N ALA A 161 -7.01 -7.90 11.05
CA ALA A 161 -6.84 -9.29 11.45
C ALA A 161 -8.05 -9.80 12.22
N GLU A 162 -8.55 -9.00 13.17
CA GLU A 162 -9.70 -9.43 13.95
C GLU A 162 -10.98 -9.38 13.13
N SER A 163 -11.18 -8.29 12.38
CA SER A 163 -12.41 -8.13 11.61
C SER A 163 -12.59 -9.26 10.60
N LEU A 164 -11.55 -9.52 9.81
CA LEU A 164 -11.62 -10.51 8.75
C LEU A 164 -11.10 -11.89 9.19
N GLU A 165 -10.75 -12.06 10.45
CA GLU A 165 -10.32 -13.35 10.97
C GLU A 165 -9.10 -13.86 10.19
N LEU A 166 -8.01 -13.09 10.27
CA LEU A 166 -6.79 -13.39 9.56
C LEU A 166 -5.67 -13.70 10.54
N GLN A 167 -4.86 -14.70 10.20
CA GLN A 167 -3.59 -14.90 10.89
C GLN A 167 -2.52 -14.14 10.11
N VAL A 168 -1.57 -13.57 10.83
CA VAL A 168 -0.52 -12.74 10.26
C VAL A 168 0.81 -13.45 10.50
N LEU A 169 1.49 -13.83 9.43
CA LEU A 169 2.64 -14.70 9.52
C LEU A 169 3.88 -14.04 8.93
N PRO A 170 5.06 -14.37 9.44
CA PRO A 170 6.29 -13.85 8.82
C PRO A 170 6.39 -14.30 7.37
N LEU A 171 7.03 -13.47 6.55
CA LEU A 171 7.28 -13.80 5.16
C LEU A 171 8.70 -14.30 5.02
N PRO A 172 8.92 -15.59 4.71
CA PRO A 172 10.30 -16.11 4.67
C PRO A 172 11.04 -15.77 3.39
N LEU A 173 10.63 -14.71 2.71
CA LEU A 173 11.34 -14.20 1.55
C LEU A 173 12.31 -13.11 1.97
N LYS A 174 13.28 -12.81 1.11
CA LYS A 174 14.27 -11.80 1.43
C LYS A 174 13.70 -10.38 1.27
N GLN A 175 12.78 -10.19 0.32
CA GLN A 175 12.15 -8.89 0.11
C GLN A 175 10.92 -8.81 1.00
N ASN A 176 11.17 -8.57 2.29
CA ASN A 176 10.13 -8.65 3.32
C ASN A 176 9.92 -7.31 4.00
N SER A 177 10.33 -6.21 3.38
CA SER A 177 10.04 -4.89 3.91
C SER A 177 9.92 -3.91 2.76
N ARG A 178 9.19 -2.84 2.99
CA ARG A 178 9.06 -1.77 2.00
C ARG A 178 8.95 -0.45 2.74
N THR A 179 9.53 0.59 2.16
CA THR A 179 9.43 1.94 2.69
C THR A 179 8.54 2.76 1.77
N CYS A 180 7.60 3.47 2.38
N CYS A 180 7.56 3.45 2.35
CA CYS A 180 6.66 4.35 1.69
CA CYS A 180 6.68 4.31 1.58
C CYS A 180 7.18 5.77 1.70
C CYS A 180 7.15 5.75 1.68
N TYR A 181 7.03 6.48 0.57
CA TYR A 181 7.57 7.81 0.43
C TYR A 181 6.48 8.82 0.08
N LEU A 182 6.72 10.08 0.45
CA LEU A 182 5.90 11.21 0.01
C LEU A 182 6.69 11.96 -1.07
N SER A 183 6.10 12.09 -2.25
CA SER A 183 6.80 12.68 -3.38
C SER A 183 5.99 13.82 -3.97
N TRP A 184 6.70 14.79 -4.54
CA TRP A 184 6.06 15.93 -5.19
C TRP A 184 7.03 16.56 -6.16
N HIS A 185 6.50 17.44 -7.00
CA HIS A 185 7.29 18.18 -7.98
C HIS A 185 7.79 19.47 -7.34
N GLU A 186 9.11 19.60 -7.24
CA GLU A 186 9.72 20.79 -6.67
C GLU A 186 9.65 21.90 -7.72
N ALA A 187 8.72 22.82 -7.55
CA ALA A 187 8.53 23.90 -8.51
C ALA A 187 7.99 25.15 -7.82
N ARG A 190 5.71 25.87 -5.94
CA ARG A 190 5.53 25.51 -4.54
C ARG A 190 5.00 26.70 -3.74
N ASP A 191 3.68 26.76 -3.58
CA ASP A 191 3.04 27.81 -2.80
C ASP A 191 3.06 27.44 -1.32
N LYS A 192 2.55 28.34 -0.48
CA LYS A 192 2.55 28.11 0.95
C LYS A 192 1.62 26.96 1.32
N GLY A 193 0.49 26.83 0.62
CA GLY A 193 -0.41 25.73 0.90
C GLY A 193 0.26 24.38 0.69
N HIS A 194 1.04 24.25 -0.39
CA HIS A 194 1.72 23.00 -0.67
C HIS A 194 2.78 22.69 0.37
N GLN A 195 3.56 23.70 0.76
CA GLN A 195 4.54 23.50 1.82
C GLN A 195 3.86 23.11 3.13
N TRP A 196 2.74 23.76 3.45
CA TRP A 196 1.99 23.38 4.65
C TRP A 196 1.52 21.93 4.57
N MET A 197 0.91 21.55 3.45
CA MET A 197 0.37 20.20 3.32
C MET A 197 1.48 19.15 3.43
N GLU A 198 2.66 19.45 2.90
CA GLU A 198 3.78 18.53 3.02
C GLU A 198 4.04 18.19 4.48
N GLU A 199 4.10 19.21 5.34
CA GLU A 199 4.43 18.99 6.74
C GLU A 199 3.31 18.27 7.48
N GLN A 200 2.05 18.55 7.13
CA GLN A 200 0.96 17.83 7.75
C GLN A 200 0.99 16.34 7.37
N LEU A 201 1.22 16.04 6.10
CA LEU A 201 1.25 14.63 5.68
C LEU A 201 2.38 13.89 6.36
N VAL A 202 3.56 14.51 6.46
CA VAL A 202 4.68 13.87 7.13
C VAL A 202 4.35 13.62 8.59
N SER A 203 3.71 14.59 9.24
CA SER A 203 3.37 14.45 10.66
C SER A 203 2.28 13.42 10.87
N ILE A 204 1.25 13.43 10.03
CA ILE A 204 0.16 12.46 10.18
C ILE A 204 0.71 11.04 10.06
N CYS A 205 1.49 10.78 9.01
CA CYS A 205 1.97 9.43 8.78
C CYS A 205 2.93 8.99 9.88
N LYS A 206 3.86 9.86 10.27
CA LYS A 206 4.81 9.48 11.31
C LYS A 206 4.14 9.39 12.67
N ARG A 207 3.08 10.17 12.90
CA ARG A 207 2.33 10.04 14.14
C ARG A 207 1.65 8.68 14.22
N LEU A 208 1.07 8.21 13.12
CA LEU A 208 0.49 6.88 13.08
C LEU A 208 1.51 5.80 13.45
N GLU A 209 2.79 6.07 13.27
CA GLU A 209 3.84 5.10 13.57
C GLU A 209 3.96 4.87 15.06
C1 MLI B . -12.25 -0.59 12.25
C2 MLI B . -13.41 -1.25 11.54
C3 MLI B . -10.86 -0.94 11.69
O6 MLI B . -13.50 -1.16 10.30
O7 MLI B . -14.26 -1.88 12.23
O8 MLI B . -10.25 -0.09 10.97
O9 MLI B . -10.35 -2.06 11.95
H11 MLI B . -12.38 0.37 12.25
H12 MLI B . -12.29 -0.81 13.19
#